data_6WMF
#
_entry.id   6WMF
#
_cell.length_a   78.435
_cell.length_b   78.435
_cell.length_c   249.441
_cell.angle_alpha   90.000
_cell.angle_beta   90.000
_cell.angle_gamma   120.000
#
_symmetry.space_group_name_H-M   'H 3 2'
#
loop_
_entity.id
_entity.type
_entity.pdbx_description
1 polymer 'SUN domain-containing protein 2'
2 polymer 'Protein KASH5'
3 non-polymer 'POTASSIUM ION'
4 water water
#
loop_
_entity_poly.entity_id
_entity_poly.type
_entity_poly.pdbx_seq_one_letter_code
_entity_poly.pdbx_strand_id
1 'polypeptide(L)'
;GPGGSGGVTEEQVHHIVKQALQRYSEDRIGLADYALESGGASVISTRCSETYETKTALLSLFGIPLWYHSQSPRVILQPD
VHPGNCWAFQGPQGFAVVRLSARIRPTAVTLEHVPKALSPNSTISSAPKDFAIFGFDEDLQQEGTLLGKFTYDQDGEPIQ
TFHFQAPTMGTYQVVELRILTNWGHPEYTCIYRFRVHGEPAH
;
A
2 'polypeptide(L)' GPGGSGGPSPPPTWPHLQLCYLQPPPV B
#
# COMPACT_ATOMS: atom_id res chain seq x y z
N GLY A 7 -14.95 16.45 -33.95
CA GLY A 7 -15.35 17.76 -33.45
C GLY A 7 -16.18 17.64 -32.20
N VAL A 8 -15.67 18.15 -31.08
CA VAL A 8 -16.34 18.04 -29.79
C VAL A 8 -16.84 19.42 -29.40
N THR A 9 -17.99 19.47 -28.73
CA THR A 9 -18.57 20.72 -28.26
C THR A 9 -18.14 21.03 -26.83
N GLU A 10 -18.40 22.28 -26.44
CA GLU A 10 -18.05 22.73 -25.10
C GLU A 10 -18.72 21.85 -24.04
N GLU A 11 -20.05 21.71 -24.12
CA GLU A 11 -20.80 20.89 -23.18
C GLU A 11 -20.18 19.50 -23.03
N GLN A 12 -19.76 18.89 -24.14
CA GLN A 12 -19.14 17.57 -24.03
C GLN A 12 -17.76 17.61 -23.40
N VAL A 13 -17.10 18.76 -23.42
CA VAL A 13 -15.85 18.87 -22.70
C VAL A 13 -16.12 18.97 -21.20
N HIS A 14 -17.12 19.77 -20.80
CA HIS A 14 -17.49 19.89 -19.40
C HIS A 14 -17.99 18.56 -18.84
N HIS A 15 -18.78 17.82 -19.63
CA HIS A 15 -19.22 16.49 -19.21
C HIS A 15 -18.04 15.55 -18.98
N ILE A 16 -17.04 15.58 -19.87
CA ILE A 16 -15.96 14.61 -19.80
C ILE A 16 -15.04 14.88 -18.60
N VAL A 17 -14.85 16.15 -18.25
CA VAL A 17 -14.05 16.46 -17.09
C VAL A 17 -14.85 16.23 -15.80
N LYS A 18 -16.18 16.44 -15.82
CA LYS A 18 -16.94 16.20 -14.61
C LYS A 18 -16.95 14.71 -14.26
N GLN A 19 -17.08 13.85 -15.27
CA GLN A 19 -17.02 12.41 -15.01
C GLN A 19 -15.62 12.00 -14.53
N ALA A 20 -14.58 12.67 -15.03
CA ALA A 20 -13.20 12.31 -14.70
C ALA A 20 -12.78 12.76 -13.31
N LEU A 21 -13.29 13.91 -12.86
CA LEU A 21 -13.08 14.34 -11.49
C LEU A 21 -13.91 13.54 -10.50
N GLN A 22 -15.07 13.03 -10.91
CA GLN A 22 -15.81 12.13 -10.03
C GLN A 22 -15.03 10.85 -9.79
N ARG A 23 -14.53 10.22 -10.86
CA ARG A 23 -13.75 8.99 -10.70
C ARG A 23 -12.46 9.23 -9.91
N TYR A 24 -11.86 10.40 -10.11
CA TYR A 24 -10.69 10.79 -9.36
C TYR A 24 -11.01 10.88 -7.86
N SER A 25 -12.09 11.59 -7.51
CA SER A 25 -12.56 11.74 -6.15
C SER A 25 -12.99 10.43 -5.51
N GLU A 26 -13.22 9.40 -6.31
CA GLU A 26 -13.70 8.11 -5.82
C GLU A 26 -12.52 7.16 -5.62
N ASP A 27 -11.59 7.59 -4.76
CA ASP A 27 -10.37 6.85 -4.45
C ASP A 27 -9.59 6.53 -5.72
N ARG A 28 -9.72 7.44 -6.69
CA ARG A 28 -8.89 7.46 -7.89
C ARG A 28 -9.27 6.40 -8.93
N ILE A 29 -9.93 5.31 -8.53
CA ILE A 29 -10.19 4.20 -9.43
C ILE A 29 -11.59 3.64 -9.20
N GLY A 30 -12.38 4.30 -8.37
CA GLY A 30 -13.78 3.92 -8.18
C GLY A 30 -14.01 2.47 -7.78
N LEU A 31 -13.17 1.90 -6.92
CA LEU A 31 -13.40 0.56 -6.40
C LEU A 31 -13.35 0.56 -4.88
N ALA A 32 -14.39 -0.01 -4.26
CA ALA A 32 -14.37 -0.21 -2.82
C ALA A 32 -13.09 -0.95 -2.43
N ASP A 33 -12.51 -0.54 -1.29
CA ASP A 33 -11.29 -1.14 -0.76
C ASP A 33 -11.62 -1.85 0.55
N TYR A 34 -11.64 -3.18 0.51
CA TYR A 34 -11.90 -3.97 1.69
C TYR A 34 -10.66 -4.13 2.55
N ALA A 35 -9.49 -3.71 2.05
CA ALA A 35 -8.27 -3.62 2.82
C ALA A 35 -8.11 -2.27 3.53
N LEU A 36 -9.06 -1.35 3.36
CA LEU A 36 -8.88 0.00 3.88
C LEU A 36 -9.20 -0.02 5.38
N GLU A 37 -8.21 0.36 6.20
CA GLU A 37 -8.35 0.23 7.65
C GLU A 37 -9.58 0.97 8.18
N SER A 38 -9.74 2.24 7.80
CA SER A 38 -10.86 3.01 8.34
C SER A 38 -12.19 2.36 8.03
N GLY A 39 -12.29 1.68 6.86
CA GLY A 39 -13.45 0.88 6.50
C GLY A 39 -13.63 -0.37 7.34
N GLY A 40 -12.68 -0.61 8.26
CA GLY A 40 -12.73 -1.74 9.17
C GLY A 40 -11.80 -2.89 8.88
N ALA A 41 -10.70 -2.66 8.18
CA ALA A 41 -9.67 -3.68 7.99
C ALA A 41 -8.55 -3.49 9.01
N SER A 42 -7.80 -4.57 9.25
CA SER A 42 -6.65 -4.49 10.12
C SER A 42 -5.54 -5.41 9.61
N VAL A 43 -4.33 -5.16 10.10
CA VAL A 43 -3.15 -5.99 9.80
C VAL A 43 -3.01 -7.04 10.89
N ILE A 44 -2.76 -8.29 10.49
CA ILE A 44 -2.32 -9.34 11.41
C ILE A 44 -0.87 -9.05 11.82
N SER A 45 -0.69 -8.09 12.74
CA SER A 45 0.66 -7.60 13.00
C SER A 45 1.62 -8.73 13.36
N THR A 46 1.12 -9.83 13.93
CA THR A 46 2.00 -10.96 14.23
C THR A 46 2.51 -11.62 12.96
N ARG A 47 1.69 -11.69 11.92
CA ARG A 47 2.06 -12.36 10.67
C ARG A 47 2.43 -11.35 9.58
N CYS A 48 3.19 -10.31 9.94
CA CYS A 48 3.80 -9.39 8.98
C CYS A 48 5.31 -9.46 9.09
N SER A 49 5.97 -9.15 7.98
CA SER A 49 7.41 -9.11 7.89
C SER A 49 7.99 -8.12 8.90
N GLU A 50 9.19 -8.41 9.39
CA GLU A 50 9.84 -7.54 10.37
C GLU A 50 10.03 -6.13 9.84
N THR A 51 9.43 -5.16 10.53
CA THR A 51 9.51 -3.76 10.11
C THR A 51 10.93 -3.27 10.20
N TYR A 52 11.55 -3.01 9.06
CA TYR A 52 12.84 -2.34 8.99
C TYR A 52 12.69 -0.97 9.64
N GLU A 53 13.15 -0.87 10.89
CA GLU A 53 13.33 0.36 11.64
C GLU A 53 14.83 0.49 11.89
N THR A 54 15.39 1.65 11.59
CA THR A 54 16.83 1.81 11.78
C THR A 54 17.16 3.29 12.02
N LYS A 55 17.47 3.62 13.28
CA LYS A 55 18.19 4.84 13.64
C LYS A 55 17.51 6.17 13.27
N THR A 56 16.78 6.18 12.15
CA THR A 56 16.35 7.39 11.44
C THR A 56 15.75 8.48 12.32
N ALA A 57 14.47 8.36 12.70
CA ALA A 57 13.67 9.49 13.13
C ALA A 57 13.50 9.52 14.66
N LEU A 58 14.03 10.56 15.28
CA LEU A 58 13.95 10.73 16.71
C LEU A 58 12.93 11.82 17.07
N LEU A 59 12.07 11.55 18.05
CA LEU A 59 11.13 12.52 18.58
C LEU A 59 11.65 13.14 19.87
N SER A 60 11.84 14.46 19.86
CA SER A 60 12.17 15.23 21.08
C SER A 60 11.15 16.31 21.37
N ILE A 64 15.68 16.34 25.09
CA ILE A 64 14.30 15.88 24.95
C ILE A 64 14.13 14.53 24.18
N PRO A 65 15.23 13.70 24.00
CA PRO A 65 15.12 12.57 23.05
C PRO A 65 14.18 11.50 23.60
N LEU A 66 12.91 11.63 23.25
CA LEU A 66 11.93 10.67 23.73
C LEU A 66 12.01 9.36 22.97
N TRP A 67 12.33 9.40 21.68
CA TRP A 67 11.60 8.40 20.95
C TRP A 67 12.02 8.30 19.50
N TYR A 68 12.16 7.06 19.04
CA TYR A 68 12.53 6.75 17.66
C TYR A 68 11.28 6.38 16.86
N HIS A 69 11.14 7.01 15.69
CA HIS A 69 9.94 6.93 14.87
C HIS A 69 10.16 5.98 13.70
N SER A 70 9.25 5.02 13.55
CA SER A 70 9.22 4.12 12.40
C SER A 70 7.81 4.18 11.77
N GLN A 71 7.58 3.36 10.75
CA GLN A 71 6.29 3.31 10.09
C GLN A 71 5.76 1.90 10.20
N SER A 72 4.68 1.74 10.97
CA SER A 72 4.02 0.45 11.12
C SER A 72 3.47 -0.04 9.77
N PRO A 73 3.26 -1.36 9.64
CA PRO A 73 2.58 -1.85 8.41
C PRO A 73 1.16 -1.35 8.31
N ARG A 74 0.60 -0.79 9.39
CA ARG A 74 -0.76 -0.26 9.35
C ARG A 74 -0.98 0.71 8.19
N VAL A 75 0.08 1.38 7.72
CA VAL A 75 -0.08 2.46 6.75
C VAL A 75 -0.41 1.93 5.35
N ILE A 76 0.04 0.73 5.00
CA ILE A 76 -0.26 0.17 3.68
C ILE A 76 -1.76 0.09 3.50
N LEU A 77 -2.52 0.24 4.59
CA LEU A 77 -3.98 0.28 4.54
C LEU A 77 -4.50 1.68 4.81
N GLN A 78 -3.60 2.67 4.73
CA GLN A 78 -3.92 4.07 4.92
C GLN A 78 -3.77 4.83 3.61
N PRO A 79 -4.63 5.82 3.36
CA PRO A 79 -4.66 6.46 2.04
C PRO A 79 -3.51 7.42 1.79
N ASP A 80 -2.98 8.07 2.83
CA ASP A 80 -1.94 9.09 2.64
C ASP A 80 -0.69 8.51 2.00
N VAL A 81 -0.36 8.97 0.78
CA VAL A 81 0.77 8.39 0.05
C VAL A 81 1.81 9.42 -0.40
N HIS A 82 1.93 10.54 0.32
CA HIS A 82 3.12 11.37 0.15
C HIS A 82 4.39 10.57 0.45
N PRO A 83 5.53 10.97 -0.12
CA PRO A 83 6.78 10.20 0.06
C PRO A 83 7.19 10.09 1.52
N GLY A 84 7.53 8.86 1.95
CA GLY A 84 7.85 8.56 3.33
C GLY A 84 6.76 7.83 4.09
N ASN A 85 5.49 8.10 3.75
CA ASN A 85 4.34 7.39 4.32
C ASN A 85 4.20 6.01 3.72
N CYS A 86 5.20 5.19 3.94
CA CYS A 86 5.21 3.83 3.44
C CYS A 86 5.63 2.93 4.59
N TRP A 87 5.29 1.67 4.49
CA TRP A 87 5.82 0.67 5.38
C TRP A 87 7.00 0.00 4.70
N ALA A 88 8.10 -0.18 5.45
CA ALA A 88 9.37 -0.62 4.88
C ALA A 88 9.91 -1.83 5.65
N PHE A 89 10.26 -2.88 4.91
CA PHE A 89 10.92 -4.06 5.47
C PHE A 89 12.29 -4.20 4.83
N GLN A 90 13.17 -4.93 5.49
CA GLN A 90 14.53 -5.05 4.97
C GLN A 90 14.63 -6.14 3.91
N GLY A 91 15.34 -5.81 2.83
CA GLY A 91 15.62 -6.76 1.79
C GLY A 91 14.54 -6.72 0.75
N PRO A 92 14.64 -7.60 -0.25
CA PRO A 92 13.67 -7.59 -1.35
C PRO A 92 12.50 -8.55 -1.17
N GLN A 93 12.49 -9.37 -0.11
CA GLN A 93 11.39 -10.27 0.19
C GLN A 93 10.72 -9.85 1.49
N GLY A 94 9.40 -9.97 1.52
CA GLY A 94 8.62 -9.55 2.66
C GLY A 94 7.14 -9.79 2.42
N PHE A 95 6.35 -9.78 3.49
CA PHE A 95 4.94 -10.14 3.38
C PHE A 95 4.13 -9.37 4.42
N ALA A 96 2.82 -9.35 4.20
CA ALA A 96 1.86 -8.79 5.16
C ALA A 96 0.55 -9.55 5.06
N VAL A 97 -0.10 -9.75 6.20
CA VAL A 97 -1.41 -10.41 6.25
C VAL A 97 -2.42 -9.40 6.76
N VAL A 98 -3.44 -9.11 5.96
CA VAL A 98 -4.46 -8.14 6.37
C VAL A 98 -5.79 -8.87 6.49
N ARG A 99 -6.54 -8.53 7.54
CA ARG A 99 -7.90 -9.00 7.71
C ARG A 99 -8.81 -7.98 7.04
N LEU A 100 -9.47 -8.39 5.96
CA LEU A 100 -10.36 -7.47 5.27
C LEU A 100 -11.54 -7.08 6.13
N SER A 101 -11.98 -5.83 5.98
CA SER A 101 -13.17 -5.31 6.63
C SER A 101 -14.41 -6.20 6.45
N ALA A 102 -14.37 -7.17 5.54
CA ALA A 102 -15.55 -7.96 5.23
C ALA A 102 -15.17 -9.17 4.39
N ARG A 103 -15.74 -10.32 4.74
CA ARG A 103 -15.62 -11.50 3.90
C ARG A 103 -16.16 -11.19 2.51
N ILE A 104 -15.31 -11.40 1.50
CA ILE A 104 -15.62 -11.10 0.11
C ILE A 104 -15.01 -12.20 -0.75
N ARG A 105 -15.47 -12.24 -2.00
CA ARG A 105 -14.81 -13.05 -3.02
C ARG A 105 -13.84 -12.13 -3.75
N PRO A 106 -12.52 -12.31 -3.57
CA PRO A 106 -11.57 -11.31 -4.09
C PRO A 106 -11.48 -11.34 -5.61
N THR A 107 -11.63 -10.16 -6.23
CA THR A 107 -11.57 -10.03 -7.68
C THR A 107 -10.39 -9.21 -8.20
N ALA A 108 -9.68 -8.48 -7.32
CA ALA A 108 -8.59 -7.60 -7.73
C ALA A 108 -7.84 -7.05 -6.52
N VAL A 109 -6.59 -6.67 -6.76
CA VAL A 109 -5.79 -5.93 -5.81
C VAL A 109 -5.25 -4.70 -6.51
N THR A 110 -4.82 -3.71 -5.72
CA THR A 110 -4.26 -2.46 -6.22
C THR A 110 -3.02 -2.11 -5.39
N LEU A 111 -1.92 -1.86 -6.07
CA LEU A 111 -0.68 -1.43 -5.44
C LEU A 111 -0.39 -0.02 -5.91
N GLU A 112 0.32 0.75 -5.10
CA GLU A 112 0.60 2.11 -5.51
C GLU A 112 1.87 2.61 -4.82
N HIS A 113 2.68 3.31 -5.59
CA HIS A 113 3.96 3.83 -5.12
C HIS A 113 4.02 5.31 -5.41
N VAL A 114 4.97 6.00 -4.78
CA VAL A 114 5.09 7.43 -5.05
C VAL A 114 5.43 7.61 -6.53
N PRO A 115 4.95 8.67 -7.16
CA PRO A 115 5.38 8.98 -8.52
C PRO A 115 6.87 9.33 -8.55
N LYS A 116 7.54 8.88 -9.61
CA LYS A 116 8.93 9.25 -9.88
C LYS A 116 9.15 10.77 -9.83
N ALA A 117 8.20 11.55 -10.32
CA ALA A 117 8.42 13.00 -10.35
C ALA A 117 8.51 13.57 -8.96
N LEU A 118 7.91 12.90 -7.98
CA LEU A 118 8.02 13.30 -6.59
C LEU A 118 9.20 12.63 -5.91
N SER A 119 9.73 11.57 -6.50
CA SER A 119 10.82 10.94 -5.78
C SER A 119 12.16 11.45 -6.30
N PRO A 120 13.16 11.69 -5.41
CA PRO A 120 14.47 12.21 -5.85
C PRO A 120 15.06 11.39 -7.00
N ASN A 121 16.13 11.90 -7.63
CA ASN A 121 16.75 11.35 -8.85
C ASN A 121 15.77 10.61 -9.77
N SER A 122 14.48 10.96 -9.67
CA SER A 122 13.39 10.49 -10.52
C SER A 122 13.34 8.96 -10.68
N THR A 123 13.89 8.20 -9.74
CA THR A 123 13.78 6.75 -9.76
C THR A 123 13.14 6.26 -8.47
N ILE A 124 12.47 5.11 -8.57
CA ILE A 124 11.76 4.54 -7.44
C ILE A 124 12.31 3.14 -7.23
N SER A 125 13.62 3.08 -6.94
CA SER A 125 14.32 1.82 -6.73
C SER A 125 13.69 0.95 -5.63
N SER A 126 13.10 1.57 -4.61
CA SER A 126 12.60 0.85 -3.45
C SER A 126 11.23 0.24 -3.66
N ALA A 127 10.66 0.30 -4.86
CA ALA A 127 9.30 -0.16 -5.02
C ALA A 127 9.25 -1.68 -5.25
N PRO A 128 8.12 -2.31 -4.93
CA PRO A 128 8.00 -3.75 -5.18
C PRO A 128 7.92 -4.05 -6.67
N LYS A 129 8.59 -5.12 -7.07
CA LYS A 129 8.50 -5.67 -8.41
C LYS A 129 7.49 -6.82 -8.40
N ASP A 130 7.96 -8.07 -8.51
CA ASP A 130 7.07 -9.23 -8.45
C ASP A 130 6.44 -9.37 -7.07
N PHE A 131 5.11 -9.57 -7.03
CA PHE A 131 4.42 -9.93 -5.81
C PHE A 131 3.45 -11.08 -6.06
N ALA A 132 2.68 -11.44 -5.03
CA ALA A 132 1.70 -12.53 -5.11
C ALA A 132 0.65 -12.30 -4.03
N ILE A 133 -0.54 -12.90 -4.24
CA ILE A 133 -1.67 -12.71 -3.32
C ILE A 133 -2.18 -14.08 -2.88
N PHE A 134 -2.40 -14.23 -1.56
CA PHE A 134 -2.81 -15.49 -0.94
C PHE A 134 -4.04 -15.31 -0.05
N GLY A 135 -5.09 -16.06 -0.36
CA GLY A 135 -6.21 -16.18 0.56
C GLY A 135 -5.91 -17.16 1.70
N PHE A 136 -6.60 -16.93 2.81
CA PHE A 136 -6.47 -17.78 4.01
C PHE A 136 -7.90 -18.06 4.46
N ASP A 137 -8.44 -19.19 3.99
CA ASP A 137 -9.83 -19.56 4.16
C ASP A 137 -10.18 -19.61 5.64
N GLU A 138 -9.60 -20.57 6.34
CA GLU A 138 -9.55 -20.50 7.79
C GLU A 138 -8.70 -19.30 8.16
N ASP A 139 -9.31 -18.24 8.70
CA ASP A 139 -8.55 -17.14 9.29
C ASP A 139 -7.37 -17.69 10.07
N LEU A 140 -7.64 -18.74 10.86
CA LEU A 140 -6.67 -19.65 11.46
C LEU A 140 -5.31 -19.65 10.77
N GLN A 142 -3.84 -22.61 8.96
CA GLN A 142 -4.10 -22.80 7.55
C GLN A 142 -2.91 -22.39 6.70
N GLU A 143 -2.79 -22.98 5.51
CA GLU A 143 -1.77 -22.60 4.55
C GLU A 143 -2.42 -21.87 3.37
N GLY A 144 -1.85 -20.73 2.99
CA GLY A 144 -2.40 -19.85 1.98
C GLY A 144 -2.77 -20.49 0.65
N THR A 145 -3.84 -19.99 0.05
CA THR A 145 -4.29 -20.39 -1.27
C THR A 145 -3.91 -19.29 -2.27
N LEU A 146 -3.07 -19.63 -3.25
CA LEU A 146 -2.55 -18.61 -4.16
C LEU A 146 -3.64 -18.03 -5.06
N LEU A 147 -3.97 -16.75 -4.84
CA LEU A 147 -5.00 -16.07 -5.63
C LEU A 147 -4.46 -15.54 -6.95
N GLY A 148 -3.15 -15.30 -7.04
CA GLY A 148 -2.52 -14.87 -8.27
C GLY A 148 -1.21 -14.11 -8.07
N LYS A 149 -0.28 -14.26 -9.02
CA LYS A 149 0.97 -13.52 -9.02
C LYS A 149 0.92 -12.39 -10.04
N PHE A 150 1.58 -11.28 -9.70
CA PHE A 150 1.70 -10.14 -10.58
C PHE A 150 3.05 -9.47 -10.33
N THR A 151 3.37 -8.48 -11.15
CA THR A 151 4.60 -7.72 -10.99
C THR A 151 4.29 -6.23 -11.18
N TYR A 152 4.60 -5.43 -10.17
CA TYR A 152 4.36 -4.00 -10.26
C TYR A 152 5.37 -3.34 -11.20
N ASP A 153 4.86 -2.45 -12.05
CA ASP A 153 5.60 -1.96 -13.21
C ASP A 153 6.19 -0.59 -12.89
N GLN A 154 7.46 -0.58 -12.47
CA GLN A 154 8.17 0.65 -12.13
C GLN A 154 8.00 1.74 -13.18
N ASP A 155 7.90 1.36 -14.46
CA ASP A 155 7.61 2.31 -15.52
C ASP A 155 6.11 2.59 -15.70
N GLY A 156 5.25 2.03 -14.85
CA GLY A 156 3.83 2.24 -14.98
C GLY A 156 3.37 3.51 -14.29
N GLU A 157 2.06 3.58 -14.08
CA GLU A 157 1.47 4.66 -13.30
C GLU A 157 1.66 4.38 -11.80
N PRO A 158 1.74 5.43 -10.97
CA PRO A 158 1.83 5.22 -9.51
C PRO A 158 0.83 4.20 -8.97
N ILE A 159 -0.44 4.38 -9.25
CA ILE A 159 -1.48 3.40 -8.89
C ILE A 159 -1.61 2.38 -10.03
N GLN A 160 -1.53 1.08 -9.71
CA GLN A 160 -1.82 0.02 -10.68
C GLN A 160 -2.67 -1.08 -10.02
N THR A 161 -3.80 -1.41 -10.65
CA THR A 161 -4.69 -2.45 -10.15
C THR A 161 -4.64 -3.68 -11.06
N PHE A 162 -4.75 -4.84 -10.42
CA PHE A 162 -4.42 -6.13 -11.01
C PHE A 162 -5.60 -7.07 -10.79
N HIS A 163 -6.09 -7.69 -11.89
CA HIS A 163 -7.25 -8.57 -11.89
C HIS A 163 -6.81 -10.03 -11.89
N PHE A 164 -7.60 -10.87 -11.21
CA PHE A 164 -7.25 -12.29 -11.08
C PHE A 164 -7.73 -13.05 -12.32
N GLY A 170 -13.79 -18.29 -4.31
CA GLY A 170 -13.93 -18.54 -2.88
C GLY A 170 -13.86 -17.23 -2.07
N THR A 171 -14.68 -17.13 -1.03
CA THR A 171 -14.66 -15.93 -0.19
C THR A 171 -13.54 -16.01 0.84
N TYR A 172 -12.95 -14.85 1.12
CA TYR A 172 -11.91 -14.74 2.12
C TYR A 172 -12.15 -13.47 2.92
N GLN A 173 -11.66 -13.49 4.17
CA GLN A 173 -11.52 -12.29 4.96
C GLN A 173 -10.07 -11.98 5.29
N VAL A 174 -9.20 -12.96 5.17
CA VAL A 174 -7.78 -12.81 5.45
C VAL A 174 -7.03 -13.02 4.15
N VAL A 175 -6.16 -12.08 3.82
CA VAL A 175 -5.40 -12.10 2.58
C VAL A 175 -3.95 -11.76 2.89
N GLU A 176 -3.04 -12.27 2.07
CA GLU A 176 -1.61 -12.04 2.26
C GLU A 176 -1.02 -11.44 0.99
N LEU A 177 -0.47 -10.25 1.12
CA LEU A 177 0.37 -9.67 0.07
C LEU A 177 1.79 -10.14 0.28
N ARG A 178 2.30 -10.94 -0.65
CA ARG A 178 3.67 -11.45 -0.57
C ARG A 178 4.52 -10.81 -1.67
N ILE A 179 5.54 -10.05 -1.26
CA ILE A 179 6.48 -9.41 -2.18
C ILE A 179 7.68 -10.33 -2.35
N LEU A 180 7.93 -10.77 -3.58
CA LEU A 180 9.05 -11.67 -3.85
C LEU A 180 10.30 -10.96 -4.34
N THR A 181 10.17 -9.84 -5.06
CA THR A 181 11.31 -9.02 -5.46
C THR A 181 10.94 -7.55 -5.35
N ASN A 182 11.97 -6.71 -5.32
CA ASN A 182 11.81 -5.27 -5.34
C ASN A 182 12.50 -4.74 -6.59
N TRP A 183 12.33 -3.46 -6.87
CA TRP A 183 12.92 -2.93 -8.08
C TRP A 183 14.38 -2.56 -7.90
N GLY A 184 15.04 -3.11 -6.88
CA GLY A 184 16.48 -3.09 -6.80
C GLY A 184 17.08 -2.31 -5.66
N HIS A 185 16.30 -1.90 -4.67
CA HIS A 185 16.90 -1.19 -3.55
C HIS A 185 17.74 -2.17 -2.75
N PRO A 186 19.00 -1.85 -2.47
CA PRO A 186 19.87 -2.79 -1.76
C PRO A 186 19.53 -2.97 -0.28
N GLU A 187 18.70 -2.12 0.31
CA GLU A 187 18.49 -2.14 1.76
C GLU A 187 17.08 -2.49 2.17
N TYR A 188 16.06 -2.01 1.49
CA TYR A 188 14.70 -2.23 1.97
C TYR A 188 13.74 -2.19 0.80
N THR A 189 12.47 -2.46 1.11
CA THR A 189 11.37 -2.26 0.19
C THR A 189 10.24 -1.52 0.91
N CYS A 190 9.77 -0.44 0.28
CA CYS A 190 8.67 0.39 0.79
C CYS A 190 7.37 0.00 0.12
N ILE A 191 6.29 -0.01 0.92
CA ILE A 191 4.94 -0.29 0.44
C ILE A 191 4.05 0.87 0.84
N TYR A 192 3.62 1.65 -0.13
CA TYR A 192 2.80 2.81 0.21
C TYR A 192 1.34 2.42 0.49
N ARG A 193 0.65 1.84 -0.51
CA ARG A 193 -0.72 1.43 -0.25
C ARG A 193 -1.08 0.17 -1.03
N PHE A 194 -1.81 -0.72 -0.33
CA PHE A 194 -2.28 -2.01 -0.82
C PHE A 194 -3.80 -2.04 -0.67
N ARG A 195 -4.50 -2.41 -1.73
CA ARG A 195 -5.96 -2.43 -1.72
C ARG A 195 -6.44 -3.79 -2.21
N VAL A 196 -7.64 -4.17 -1.77
CA VAL A 196 -8.26 -5.44 -2.14
C VAL A 196 -9.71 -5.16 -2.54
N HIS A 197 -10.06 -5.49 -3.78
CA HIS A 197 -11.44 -5.32 -4.23
C HIS A 197 -12.12 -6.66 -4.51
N GLY A 198 -13.45 -6.61 -4.55
CA GLY A 198 -14.23 -7.82 -4.68
C GLY A 198 -15.67 -7.56 -4.33
N GLU A 199 -16.44 -8.66 -4.29
CA GLU A 199 -17.86 -8.57 -3.99
C GLU A 199 -18.15 -9.27 -2.68
N PRO A 200 -18.96 -8.67 -1.81
CA PRO A 200 -19.37 -9.36 -0.59
C PRO A 200 -20.20 -10.59 -0.89
N ALA A 201 -20.18 -11.52 0.06
CA ALA A 201 -20.90 -12.77 -0.11
C ALA A 201 -22.42 -12.52 -0.08
N HIS A 202 -23.17 -13.50 -0.56
CA HIS A 202 -24.63 -13.43 -0.53
C HIS A 202 -25.18 -14.18 0.68
N THR B 13 0.78 28.04 29.04
CA THR B 13 0.85 26.61 28.72
C THR B 13 0.48 26.37 27.20
N TRP B 14 1.45 25.72 26.38
CA TRP B 14 1.58 25.51 24.90
C TRP B 14 2.64 24.45 24.49
N PRO B 15 2.28 23.37 23.75
CA PRO B 15 3.18 22.19 23.56
C PRO B 15 3.84 22.02 22.19
N HIS B 16 4.97 21.28 22.07
CA HIS B 16 5.51 20.99 20.74
C HIS B 16 6.51 19.81 20.72
N LEU B 17 6.10 18.71 20.07
CA LEU B 17 6.97 17.55 19.87
C LEU B 17 7.88 17.81 18.66
N GLN B 18 9.16 17.48 18.80
CA GLN B 18 10.16 17.79 17.79
C GLN B 18 10.47 16.53 16.99
N LEU B 19 10.56 16.68 15.67
CA LEU B 19 10.96 15.60 14.78
C LEU B 19 12.28 16.00 14.10
N CYS B 20 13.21 15.06 14.04
CA CYS B 20 14.49 15.27 13.37
C CYS B 20 14.90 13.95 12.74
N TYR B 21 15.83 14.00 11.79
CA TYR B 21 16.22 12.81 11.03
C TYR B 21 17.72 12.61 11.15
N LEU B 22 18.13 11.49 11.75
CA LEU B 22 19.55 11.14 11.80
C LEU B 22 20.01 10.42 10.55
N GLN B 23 19.08 9.89 9.77
CA GLN B 23 19.35 9.38 8.43
C GLN B 23 18.07 9.58 7.61
N PRO B 24 18.20 9.62 6.30
CA PRO B 24 16.99 9.70 5.47
C PRO B 24 16.09 8.51 5.74
N PRO B 25 14.81 8.75 5.93
CA PRO B 25 13.88 7.68 6.18
C PRO B 25 13.70 6.85 4.93
N PRO B 26 13.18 5.63 5.08
CA PRO B 26 12.67 4.90 3.92
C PRO B 26 11.73 5.78 3.10
N VAL B 27 11.93 5.76 1.80
CA VAL B 27 11.12 6.54 0.87
C VAL B 27 10.82 5.67 -0.36
#